data_4CSD
#
_entry.id   4CSD
#
_cell.length_a   36.420
_cell.length_b   75.910
_cell.length_c   85.780
_cell.angle_alpha   90.00
_cell.angle_beta   102.23
_cell.angle_gamma   90.00
#
_symmetry.space_group_name_H-M   'P 1 21 1'
#
loop_
_entity.id
_entity.type
_entity.pdbx_description
1 polymer 'FUCOSE-BINDING LECTIN PROTEIN'
2 non-polymer 'methyl alpha-L-fucopyranoside'
3 non-polymer GLYCEROL
4 water water
#
_entity_poly.entity_id   1
_entity_poly.type   'polypeptide(L)'
_entity_poly.pdbx_seq_one_letter_code
;MSSVQTAATSWGTVPSIRVYTANNGKITERCWDGKGWYTGAFNEPGDNVSVTSWLVGSAIHIRVYASTGTTTTEWCWDGN
GWTKGAYTSSTVPGDQTAATSWGTVPSIRVYTANNGKITERCWDGKGWYTGAFNEPGDNVSVTSWLVGSAIHIRVYASTG
TTTTEWCWDGNGWTKGAYTSSTVPGDQTAATSWGTVPSIRVYTANNGKITERCWDGKGWYTGAFNEPGDNVSVTSWLVGS
AIHIRVYASTGTTTTEWCWDGNGWTKGAYTAT
;
_entity_poly.pdbx_strand_id   A,B
#
# COMPACT_ATOMS: atom_id res chain seq x y z
N MET A 1 -25.06 7.95 27.17
CA MET A 1 -24.19 7.26 26.18
C MET A 1 -23.73 5.97 26.84
N SER A 2 -23.39 4.96 26.05
CA SER A 2 -22.96 3.68 26.61
C SER A 2 -21.58 3.78 27.25
N SER A 3 -20.79 4.81 26.92
CA SER A 3 -19.53 5.02 27.61
C SER A 3 -19.00 6.47 27.50
N VAL A 4 -18.08 6.80 28.38
CA VAL A 4 -17.35 8.02 28.23
C VAL A 4 -16.48 7.84 26.93
N GLN A 5 -15.91 8.94 26.48
CA GLN A 5 -15.04 8.97 25.32
C GLN A 5 -13.73 9.59 25.77
N THR A 6 -12.61 8.99 25.39
CA THR A 6 -11.32 9.48 25.85
C THR A 6 -10.37 9.81 24.71
N ALA A 7 -9.34 10.56 25.05
CA ALA A 7 -8.23 10.86 24.15
C ALA A 7 -6.98 10.93 25.00
N ALA A 8 -5.86 10.47 24.50
CA ALA A 8 -4.63 10.36 25.28
C ALA A 8 -3.42 10.86 24.50
N THR A 9 -2.46 11.42 25.20
CA THR A 9 -1.18 11.81 24.64
C THR A 9 -0.10 11.57 25.70
N SER A 10 1.13 11.53 25.28
CA SER A 10 2.25 11.27 26.16
C SER A 10 3.51 11.92 25.60
N TRP A 11 4.48 12.16 26.44
CA TRP A 11 5.75 12.74 26.02
C TRP A 11 6.87 12.32 26.91
N GLY A 12 8.07 12.38 26.32
CA GLY A 12 9.30 12.04 27.03
C GLY A 12 9.41 10.56 27.35
N THR A 13 10.34 10.23 28.21
CA THR A 13 10.57 8.83 28.53
C THR A 13 10.17 8.49 29.95
N VAL A 14 9.71 9.45 30.74
CA VAL A 14 9.25 9.14 32.08
C VAL A 14 8.14 8.08 32.06
N PRO A 15 7.09 8.24 31.26
CA PRO A 15 6.71 9.43 30.50
C PRO A 15 5.79 10.31 31.32
N SER A 16 5.40 11.46 30.75
CA SER A 16 4.17 12.10 31.18
C SER A 16 3.03 11.66 30.25
N ILE A 17 1.85 11.44 30.80
CA ILE A 17 0.65 11.08 30.05
C ILE A 17 -0.47 12.01 30.45
N ARG A 18 -1.31 12.37 29.51
CA ARG A 18 -2.56 13.11 29.79
C ARG A 18 -3.68 12.39 29.14
N VAL A 19 -4.74 12.09 29.87
CA VAL A 19 -5.93 11.43 29.36
C VAL A 19 -7.11 12.36 29.56
N TYR A 20 -7.78 12.70 28.48
CA TYR A 20 -8.95 13.57 28.51
C TYR A 20 -10.19 12.72 28.38
N THR A 21 -11.19 12.95 29.22
CA THR A 21 -12.44 12.20 29.18
C THR A 21 -13.62 13.14 29.00
N ALA A 22 -14.42 12.90 27.99
CA ALA A 22 -15.71 13.56 27.77
C ALA A 22 -16.77 12.73 28.44
N ASN A 23 -17.46 13.33 29.39
CA ASN A 23 -18.55 12.66 30.10
C ASN A 23 -19.68 13.65 30.27
N ASN A 24 -20.81 13.33 29.67
CA ASN A 24 -22.01 14.15 29.77
C ASN A 24 -21.75 15.63 29.58
N GLY A 25 -21.04 15.94 28.51
CA GLY A 25 -20.87 17.27 28.08
C GLY A 25 -19.71 18.03 28.71
N LYS A 26 -18.92 17.41 29.58
CA LYS A 26 -17.77 18.02 30.18
C LYS A 26 -16.54 17.17 29.94
N ILE A 27 -15.45 17.83 29.60
CA ILE A 27 -14.17 17.17 29.42
C ILE A 27 -13.26 17.53 30.57
N THR A 28 -12.70 16.52 31.20
CA THR A 28 -11.74 16.69 32.29
C THR A 28 -10.49 15.89 31.94
N GLU A 29 -9.48 15.98 32.79
CA GLU A 29 -8.14 15.54 32.51
C GLU A 29 -7.53 14.81 33.70
N ARG A 30 -6.91 13.65 33.42
CA ARG A 30 -6.14 12.91 34.41
C ARG A 30 -4.71 12.89 33.91
N CYS A 31 -3.75 12.99 34.82
CA CYS A 31 -2.35 13.25 34.51
C CYS A 31 -1.45 12.27 35.19
N TRP A 32 -0.41 11.85 34.49
CA TRP A 32 0.68 11.06 35.05
C TRP A 32 2.00 11.73 34.76
N ASP A 33 2.80 11.97 35.77
CA ASP A 33 4.12 12.51 35.61
C ASP A 33 5.17 11.58 36.28
N GLY A 34 4.84 10.31 36.47
CA GLY A 34 5.76 9.33 37.01
C GLY A 34 5.50 8.88 38.42
N LYS A 35 4.59 9.55 39.12
CA LYS A 35 4.41 9.40 40.56
C LYS A 35 2.93 9.41 40.97
N GLY A 36 2.06 8.76 40.23
CA GLY A 36 0.64 8.64 40.51
C GLY A 36 -0.21 9.54 39.62
N TRP A 37 -1.42 9.07 39.37
CA TRP A 37 -2.38 9.80 38.61
C TRP A 37 -3.00 10.89 39.46
N TYR A 38 -3.28 12.03 38.81
CA TYR A 38 -3.92 13.16 39.48
C TYR A 38 -4.80 13.93 38.50
N THR A 39 -5.71 14.71 39.03
CA THR A 39 -6.61 15.52 38.22
C THR A 39 -5.96 16.81 37.76
N GLY A 40 -5.99 17.03 36.46
CA GLY A 40 -5.38 18.19 35.87
C GLY A 40 -6.26 19.42 35.86
N ALA A 41 -5.65 20.49 35.40
CA ALA A 41 -6.31 21.79 35.29
C ALA A 41 -7.38 21.84 34.22
N PHE A 42 -7.32 21.00 33.20
CA PHE A 42 -8.22 21.12 32.05
C PHE A 42 -9.66 20.86 32.45
N ASN A 43 -10.53 21.81 32.13
CA ASN A 43 -11.95 21.60 32.29
C ASN A 43 -12.69 22.46 31.29
N GLU A 44 -13.28 21.83 30.28
CA GLU A 44 -13.99 22.54 29.24
C GLU A 44 -15.17 21.75 28.76
N PRO A 45 -16.19 22.45 28.20
CA PRO A 45 -17.33 21.72 27.67
C PRO A 45 -16.98 20.93 26.41
N GLY A 46 -17.62 19.80 26.25
CA GLY A 46 -17.48 19.00 25.07
C GLY A 46 -18.13 17.64 25.22
N ASP A 47 -18.66 17.11 24.11
CA ASP A 47 -19.16 15.76 24.06
C ASP A 47 -18.13 14.81 23.44
N ASN A 48 -17.17 15.39 22.72
CA ASN A 48 -16.17 14.63 21.98
C ASN A 48 -14.85 15.33 22.16
N VAL A 49 -13.76 14.56 22.24
CA VAL A 49 -12.44 15.11 22.43
C VAL A 49 -11.39 14.37 21.62
N SER A 50 -10.44 15.12 21.09
CA SER A 50 -9.20 14.56 20.57
C SER A 50 -8.06 15.44 21.06
N VAL A 51 -6.83 14.93 20.95
CA VAL A 51 -5.65 15.61 21.47
C VAL A 51 -4.45 15.30 20.63
N THR A 52 -3.51 16.22 20.56
CA THR A 52 -2.13 16.00 20.08
C THR A 52 -1.20 16.85 20.90
N SER A 53 0.08 16.52 20.94
CA SER A 53 1.06 17.28 21.66
C SER A 53 2.41 17.14 21.01
N TRP A 54 3.32 18.04 21.34
CA TRP A 54 4.68 18.03 20.85
C TRP A 54 5.58 18.78 21.84
N LEU A 55 6.85 18.41 21.86
CA LEU A 55 7.85 19.08 22.67
C LEU A 55 8.65 20.10 21.84
N VAL A 56 9.00 21.22 22.44
CA VAL A 56 10.05 22.07 21.93
C VAL A 56 11.08 22.11 23.04
N GLY A 57 12.22 21.49 22.83
CA GLY A 57 13.13 21.30 23.97
C GLY A 57 12.42 20.51 25.07
N SER A 58 12.43 21.01 26.30
CA SER A 58 11.76 20.32 27.40
C SER A 58 10.33 20.78 27.61
N ALA A 59 9.86 21.73 26.80
CA ALA A 59 8.55 22.32 26.98
C ALA A 59 7.49 21.58 26.19
N ILE A 60 6.46 21.12 26.88
CA ILE A 60 5.33 20.48 26.22
C ILE A 60 4.31 21.52 25.72
N HIS A 61 3.74 21.20 24.58
CA HIS A 61 2.66 21.97 23.98
C HIS A 61 1.58 20.96 23.68
N ILE A 62 0.36 21.25 24.13
CA ILE A 62 -0.76 20.35 23.98
C ILE A 62 -1.89 21.09 23.27
N ARG A 63 -2.60 20.43 22.39
CA ARG A 63 -3.81 20.95 21.72
C ARG A 63 -4.93 19.95 21.90
N VAL A 64 -6.00 20.38 22.54
CA VAL A 64 -7.19 19.58 22.80
C VAL A 64 -8.33 20.15 21.96
N TYR A 65 -8.99 19.30 21.17
CA TYR A 65 -10.10 19.69 20.29
C TYR A 65 -11.39 19.15 20.91
N ALA A 66 -12.17 20.13 21.42
CA ALA A 66 -13.36 19.87 22.19
C ALA A 66 -14.56 20.19 21.33
N SER A 67 -15.39 19.20 21.07
CA SER A 67 -16.55 19.40 20.22
C SER A 67 -17.86 19.26 21.01
N THR A 68 -18.67 20.29 20.84
CA THR A 68 -20.13 20.24 21.09
C THR A 68 -20.87 20.60 19.69
N GLY A 69 -21.60 19.67 19.09
CA GLY A 69 -22.25 19.95 17.76
C GLY A 69 -21.18 20.03 16.66
N THR A 70 -21.30 20.98 15.72
CA THR A 70 -20.29 21.19 14.69
C THR A 70 -19.27 22.23 15.09
N THR A 71 -19.40 22.71 16.33
CA THR A 71 -18.48 23.65 16.96
C THR A 71 -17.42 23.00 17.84
N THR A 72 -16.26 23.08 17.26
CA THR A 72 -15.12 22.48 17.86
C THR A 72 -14.22 23.63 18.29
N THR A 73 -13.84 23.67 19.57
CA THR A 73 -12.93 24.66 20.08
C THR A 73 -11.61 24.00 20.39
N GLU A 74 -10.51 24.64 20.01
CA GLU A 74 -9.15 24.21 20.36
C GLU A 74 -8.69 24.92 21.62
N TRP A 75 -8.22 24.11 22.55
CA TRP A 75 -7.66 24.57 23.82
C TRP A 75 -6.15 24.26 23.83
N CYS A 76 -5.34 25.21 24.24
CA CYS A 76 -3.91 25.15 24.09
C CYS A 76 -3.21 25.24 25.42
N TRP A 77 -2.26 24.35 25.62
CA TRP A 77 -1.38 24.43 26.76
C TRP A 77 0.01 24.66 26.20
N ASP A 78 0.64 25.76 26.62
CA ASP A 78 1.97 26.16 26.19
C ASP A 78 2.83 26.57 27.38
N GLY A 79 2.57 25.96 28.51
CA GLY A 79 3.38 26.09 29.70
C GLY A 79 2.76 26.90 30.80
N ASN A 80 1.60 27.48 30.56
CA ASN A 80 1.00 28.38 31.55
C ASN A 80 -0.49 28.64 31.33
N GLY A 81 -1.28 27.65 31.57
CA GLY A 81 -2.68 27.77 31.53
C GLY A 81 -3.24 27.36 30.19
N TRP A 82 -4.46 26.95 30.18
CA TRP A 82 -5.17 26.58 28.99
C TRP A 82 -5.76 27.82 28.34
N THR A 83 -5.47 28.01 27.07
CA THR A 83 -5.89 29.19 26.34
C THR A 83 -6.67 28.80 25.10
N LYS A 84 -7.49 29.72 24.61
CA LYS A 84 -8.32 29.44 23.46
C LYS A 84 -7.52 29.60 22.17
N GLY A 85 -7.48 28.55 21.37
CA GLY A 85 -6.72 28.56 20.13
C GLY A 85 -7.48 29.07 18.94
N ALA A 86 -6.77 29.19 17.84
CA ALA A 86 -7.30 29.79 16.62
C ALA A 86 -8.09 28.85 15.74
N TYR A 87 -8.06 27.56 16.02
CA TYR A 87 -8.79 26.58 15.20
C TYR A 87 -10.23 26.93 15.01
N THR A 88 -10.66 26.87 13.74
CA THR A 88 -12.06 26.91 13.39
C THR A 88 -12.35 25.80 12.38
N SER A 89 -13.58 25.35 12.33
CA SER A 89 -14.11 24.42 11.31
C SER A 89 -15.59 24.79 10.93
N ASP A 95 -19.74 16.74 15.62
CA ASP A 95 -18.40 16.48 15.10
C ASP A 95 -17.75 15.33 15.95
N GLN A 96 -16.98 14.47 15.32
CA GLN A 96 -16.03 13.59 16.02
C GLN A 96 -14.69 13.87 15.37
N THR A 97 -13.64 14.10 16.13
CA THR A 97 -12.36 14.53 15.57
C THR A 97 -11.22 13.60 15.96
N ALA A 98 -10.14 13.75 15.23
CA ALA A 98 -8.88 13.08 15.47
C ALA A 98 -7.77 14.05 15.07
N ALA A 99 -6.67 14.09 15.78
CA ALA A 99 -5.62 15.06 15.53
C ALA A 99 -4.26 14.41 15.56
N THR A 100 -3.35 14.94 14.77
CA THR A 100 -1.95 14.54 14.78
C THR A 100 -1.08 15.79 14.53
N SER A 101 0.17 15.73 14.89
CA SER A 101 1.11 16.81 14.70
C SER A 101 2.51 16.28 14.49
N TRP A 102 3.34 17.08 13.87
CA TRP A 102 4.74 16.71 13.65
C TRP A 102 5.64 17.92 13.61
N GLY A 103 6.91 17.66 13.86
CA GLY A 103 7.91 18.71 13.88
C GLY A 103 7.74 19.67 15.04
N THR A 104 8.40 20.81 14.94
CA THR A 104 8.42 21.79 16.01
C THR A 104 7.80 23.11 15.59
N VAL A 105 7.33 23.24 14.35
CA VAL A 105 6.62 24.46 13.96
C VAL A 105 5.39 24.68 14.86
N PRO A 106 4.53 23.67 15.02
CA PRO A 106 4.43 22.37 14.37
C PRO A 106 3.51 22.44 13.16
N SER A 107 3.40 21.31 12.47
CA SER A 107 2.28 21.07 11.62
C SER A 107 1.25 20.27 12.39
N ILE A 108 -0.02 20.62 12.20
CA ILE A 108 -1.15 19.88 12.82
C ILE A 108 -2.12 19.51 11.72
N ARG A 109 -2.72 18.33 11.84
CA ARG A 109 -3.87 17.97 11.00
C ARG A 109 -4.99 17.53 11.89
N VAL A 110 -6.16 18.10 11.70
CA VAL A 110 -7.35 17.72 12.44
C VAL A 110 -8.39 17.17 11.49
N TYR A 111 -8.84 15.95 11.68
CA TYR A 111 -9.84 15.28 10.84
C TYR A 111 -11.15 15.32 11.58
N THR A 112 -12.22 15.69 10.89
CA THR A 112 -13.56 15.74 11.49
C THR A 112 -14.50 14.88 10.70
N ALA A 113 -15.16 13.95 11.38
CA ALA A 113 -16.22 13.14 10.79
C ALA A 113 -17.53 13.84 11.14
N ASN A 114 -18.30 14.19 10.12
CA ASN A 114 -19.55 14.88 10.32
C ASN A 114 -20.52 14.41 9.22
N ASN A 115 -21.68 13.90 9.62
CA ASN A 115 -22.75 13.52 8.65
C ASN A 115 -22.18 12.58 7.58
N GLY A 116 -21.33 11.65 7.99
CA GLY A 116 -20.80 10.61 7.09
C GLY A 116 -19.62 10.99 6.22
N LYS A 117 -19.09 12.19 6.41
CA LYS A 117 -17.92 12.64 5.65
C LYS A 117 -16.82 13.07 6.56
N ILE A 118 -15.58 12.75 6.19
CA ILE A 118 -14.41 13.21 6.90
C ILE A 118 -13.71 14.27 6.07
N THR A 119 -13.45 15.40 6.71
CA THR A 119 -12.70 16.46 6.12
C THR A 119 -11.51 16.85 7.01
N GLU A 120 -10.61 17.69 6.52
CA GLU A 120 -9.31 17.92 7.14
C GLU A 120 -9.04 19.40 7.25
N ARG A 121 -8.55 19.83 8.40
CA ARG A 121 -8.06 21.17 8.61
C ARG A 121 -6.59 21.09 8.99
N CYS A 122 -5.82 22.04 8.51
CA CYS A 122 -4.39 22.01 8.52
C CYS A 122 -3.76 23.28 9.06
N TRP A 123 -2.75 23.10 9.90
CA TRP A 123 -1.93 24.20 10.38
C TRP A 123 -0.50 23.87 10.02
N ASP A 124 0.19 24.79 9.34
CA ASP A 124 1.62 24.68 9.03
C ASP A 124 2.38 25.90 9.53
N GLY A 125 1.86 26.58 10.53
CA GLY A 125 2.53 27.70 11.18
C GLY A 125 1.95 29.06 10.92
N LYS A 126 1.04 29.18 9.95
CA LYS A 126 0.65 30.46 9.37
C LYS A 126 -0.84 30.47 9.09
N GLY A 127 -1.64 29.86 9.94
CA GLY A 127 -3.08 29.88 9.79
C GLY A 127 -3.67 28.52 9.44
N TRP A 128 -4.95 28.37 9.71
CA TRP A 128 -5.67 27.12 9.40
C TRP A 128 -6.24 27.16 7.99
N TYR A 129 -6.08 26.07 7.26
CA TYR A 129 -6.65 25.93 5.94
C TYR A 129 -7.27 24.55 5.78
N THR A 130 -8.11 24.39 4.79
CA THR A 130 -8.74 23.13 4.49
C THR A 130 -7.88 22.29 3.58
N GLY A 131 -7.58 21.08 4.04
CA GLY A 131 -6.69 20.18 3.36
C GLY A 131 -7.37 19.42 2.24
N ALA A 132 -6.56 18.68 1.50
CA ALA A 132 -7.03 17.90 0.38
C ALA A 132 -7.81 16.68 0.77
N PHE A 133 -7.70 16.18 2.02
CA PHE A 133 -8.38 14.95 2.38
C PHE A 133 -9.90 15.08 2.42
N ASN A 134 -10.60 14.21 1.71
CA ASN A 134 -12.05 14.15 1.76
C ASN A 134 -12.43 12.71 1.49
N GLU A 135 -12.91 12.01 2.50
CA GLU A 135 -13.28 10.61 2.36
C GLU A 135 -14.50 10.34 3.23
N PRO A 136 -15.29 9.31 2.86
CA PRO A 136 -16.41 8.96 3.68
C PRO A 136 -16.00 8.39 5.03
N GLY A 137 -16.79 8.68 6.04
CA GLY A 137 -16.58 8.07 7.33
C GLY A 137 -17.48 8.66 8.37
N ASP A 138 -17.88 7.78 9.28
CA ASP A 138 -18.62 8.17 10.48
C ASP A 138 -17.72 8.33 11.70
N ASN A 139 -16.54 7.72 11.64
CA ASN A 139 -15.57 7.75 12.74
C ASN A 139 -14.19 7.82 12.15
N VAL A 140 -13.31 8.56 12.82
CA VAL A 140 -11.97 8.73 12.34
C VAL A 140 -10.97 8.64 13.45
N SER A 141 -9.84 8.01 13.14
CA SER A 141 -8.61 8.08 13.94
C SER A 141 -7.43 8.35 13.03
N VAL A 142 -6.31 8.75 13.62
CA VAL A 142 -5.13 9.09 12.81
C VAL A 142 -3.85 8.81 13.59
N THR A 143 -2.79 8.50 12.87
CA THR A 143 -1.46 8.50 13.40
C THR A 143 -0.53 9.02 12.29
N SER A 144 0.65 9.49 12.67
CA SER A 144 1.63 9.95 11.70
C SER A 144 3.02 9.76 12.25
N TRP A 145 4.00 9.79 11.36
CA TRP A 145 5.39 9.67 11.72
C TRP A 145 6.24 10.34 10.68
N LEU A 146 7.41 10.79 11.14
CA LEU A 146 8.40 11.37 10.24
C LEU A 146 9.48 10.36 9.91
N VAL A 147 9.91 10.39 8.66
CA VAL A 147 11.09 9.63 8.21
C VAL A 147 11.98 10.72 7.65
N GLY A 148 13.02 11.07 8.40
CA GLY A 148 13.82 12.25 8.10
C GLY A 148 12.92 13.47 8.03
N SER A 149 12.85 14.07 6.85
CA SER A 149 12.01 15.24 6.67
C SER A 149 10.60 14.94 6.16
N ALA A 150 10.33 13.68 5.83
CA ALA A 150 9.10 13.35 5.14
C ALA A 150 8.02 12.86 6.10
N ILE A 151 6.83 13.47 6.06
CA ILE A 151 5.71 13.05 6.89
C ILE A 151 4.94 11.93 6.22
N HIS A 152 4.51 11.02 7.04
CA HIS A 152 3.62 9.94 6.67
C HIS A 152 2.42 9.95 7.58
N ILE A 153 1.21 9.93 7.00
CA ILE A 153 -0.04 10.02 7.77
C ILE A 153 -0.87 8.81 7.44
N ARG A 154 -1.49 8.23 8.45
CA ARG A 154 -2.45 7.18 8.24
C ARG A 154 -3.77 7.55 8.92
N VAL A 155 -4.83 7.66 8.15
CA VAL A 155 -6.16 7.96 8.62
C VAL A 155 -7.03 6.74 8.52
N TYR A 156 -7.68 6.38 9.62
CA TYR A 156 -8.52 5.19 9.66
C TYR A 156 -9.98 5.65 9.69
N ALA A 157 -10.65 5.47 8.55
CA ALA A 157 -12.00 5.98 8.35
C ALA A 157 -12.99 4.83 8.43
N SER A 158 -13.94 4.88 9.35
CA SER A 158 -14.88 3.78 9.46
C SER A 158 -16.24 4.22 9.00
N THR A 159 -16.81 3.42 8.13
CA THR A 159 -18.23 3.54 7.77
C THR A 159 -18.91 2.21 8.05
N GLY A 160 -20.14 2.09 7.54
CA GLY A 160 -20.86 0.82 7.35
C GLY A 160 -20.30 -0.50 7.90
N THR A 162 -16.67 -1.43 8.32
CA THR A 162 -15.48 -1.43 7.47
C THR A 162 -14.66 -0.20 7.81
N THR A 163 -13.39 -0.45 8.06
CA THR A 163 -12.44 0.61 8.28
C THR A 163 -11.55 0.63 7.07
N THR A 164 -11.43 1.78 6.42
CA THR A 164 -10.51 1.99 5.34
C THR A 164 -9.36 2.84 5.83
N GLU A 165 -8.14 2.43 5.52
CA GLU A 165 -6.95 3.21 5.80
C GLU A 165 -6.61 4.07 4.60
N TRP A 166 -6.37 5.34 4.84
CA TRP A 166 -5.93 6.28 3.84
C TRP A 166 -4.53 6.74 4.19
N CYS A 167 -3.64 6.82 3.21
CA CYS A 167 -2.22 6.97 3.38
C CYS A 167 -1.69 8.20 2.70
N TRP A 168 -1.01 9.08 3.42
CA TRP A 168 -0.30 10.20 2.81
C TRP A 168 1.17 9.91 2.99
N ASP A 169 1.90 9.87 1.89
CA ASP A 169 3.32 9.63 1.88
C ASP A 169 4.05 10.65 0.97
N GLY A 170 3.51 11.84 0.81
CA GLY A 170 4.25 12.98 0.19
C GLY A 170 3.53 13.82 -0.83
N ASN A 171 2.66 13.16 -1.56
CA ASN A 171 1.93 13.83 -2.61
C ASN A 171 0.69 13.07 -3.06
N GLY A 172 -0.28 12.94 -2.18
CA GLY A 172 -1.58 12.37 -2.45
C GLY A 172 -1.94 11.31 -1.42
N TRP A 173 -3.23 11.09 -1.30
CA TRP A 173 -3.81 10.09 -0.42
C TRP A 173 -4.08 8.82 -1.21
N THR A 174 -3.67 7.68 -0.67
CA THR A 174 -3.83 6.38 -1.32
C THR A 174 -4.47 5.40 -0.35
N LYS A 175 -5.16 4.40 -0.89
CA LYS A 175 -5.85 3.44 -0.06
C LYS A 175 -4.89 2.39 0.42
N GLY A 176 -4.76 2.26 1.74
CA GLY A 176 -3.80 1.34 2.32
C GLY A 176 -4.28 -0.09 2.39
N ALA A 177 -3.36 -0.96 2.80
CA ALA A 177 -3.58 -2.41 2.86
C ALA A 177 -4.40 -2.81 4.09
N TYR A 178 -4.58 -1.93 5.08
CA TYR A 178 -5.34 -2.29 6.29
C TYR A 178 -6.65 -2.97 6.01
N THR A 179 -6.82 -4.08 6.70
CA THR A 179 -8.09 -4.77 6.80
C THR A 179 -8.36 -5.13 8.26
N SER A 180 -9.62 -5.37 8.58
CA SER A 180 -10.06 -5.85 9.89
C SER A 180 -11.48 -6.42 9.75
N SER A 181 -11.93 -7.05 10.83
CA SER A 181 -13.34 -7.43 11.00
C SER A 181 -14.05 -6.39 11.91
N THR A 182 -14.91 -5.57 11.31
CA THR A 182 -15.62 -4.51 12.02
C THR A 182 -17.12 -4.65 11.99
N VAL A 183 -17.74 -3.84 12.86
CA VAL A 183 -19.17 -3.71 12.95
C VAL A 183 -19.55 -2.26 12.66
N PRO A 184 -20.81 -2.02 12.32
CA PRO A 184 -21.26 -0.65 12.12
C PRO A 184 -21.18 0.07 13.46
N GLY A 185 -20.67 1.30 13.43
CA GLY A 185 -20.57 2.11 14.62
C GLY A 185 -19.22 1.94 15.30
N ASP A 186 -18.30 1.22 14.66
CA ASP A 186 -17.05 0.92 15.31
C ASP A 186 -16.25 2.23 15.51
N GLN A 187 -15.44 2.23 16.54
CA GLN A 187 -14.62 3.38 16.89
C GLN A 187 -13.18 2.87 16.98
N THR A 188 -12.25 3.63 16.44
CA THR A 188 -10.86 3.21 16.39
C THR A 188 -9.93 4.19 17.05
N ALA A 189 -8.71 3.69 17.34
CA ALA A 189 -7.61 4.53 17.84
C ALA A 189 -6.34 3.93 17.27
N ALA A 190 -5.36 4.77 17.01
CA ALA A 190 -4.15 4.33 16.35
C ALA A 190 -2.92 4.93 16.96
N THR A 191 -1.81 4.19 16.92
CA THR A 191 -0.50 4.70 17.34
C THR A 191 0.57 4.09 16.45
N SER A 192 1.73 4.72 16.40
CA SER A 192 2.83 4.25 15.55
C SER A 192 4.13 4.60 16.18
N TRP A 193 5.17 3.86 15.81
CA TRP A 193 6.51 4.16 16.32
C TRP A 193 7.56 3.71 15.33
N GLY A 194 8.74 4.30 15.47
CA GLY A 194 9.91 3.98 14.68
C GLY A 194 9.82 4.40 13.24
N THR A 195 10.72 3.86 12.43
CA THR A 195 10.84 4.28 11.06
C THR A 195 10.28 3.31 10.05
N VAL A 196 9.92 2.11 10.50
CA VAL A 196 9.41 1.11 9.59
C VAL A 196 8.10 1.55 8.91
N PRO A 197 7.08 1.99 9.67
CA PRO A 197 6.93 2.02 11.11
C PRO A 197 6.24 0.75 11.62
N SER A 198 6.12 0.61 12.94
CA SER A 198 5.09 -0.21 13.50
C SER A 198 3.84 0.63 13.74
N ILE A 199 2.69 0.06 13.43
CA ILE A 199 1.39 0.67 13.72
C ILE A 199 0.54 -0.31 14.50
N ARG A 200 -0.25 0.20 15.45
CA ARG A 200 -1.26 -0.59 16.13
C ARG A 200 -2.55 0.18 16.02
N VAL A 201 -3.61 -0.50 15.57
CA VAL A 201 -4.94 0.08 15.41
C VAL A 201 -5.89 -0.74 16.27
N TYR A 202 -6.55 -0.08 17.21
CA TYR A 202 -7.50 -0.69 18.16
C TYR A 202 -8.89 -0.32 17.71
N THR A 203 -9.79 -1.30 17.68
CA THR A 203 -11.16 -1.10 17.26
C THR A 203 -12.10 -1.60 18.31
N ALA A 204 -13.02 -0.71 18.75
CA ALA A 204 -14.10 -1.10 19.63
C ALA A 204 -15.31 -1.45 18.78
N ASN A 205 -15.74 -2.71 18.89
CA ASN A 205 -16.84 -3.25 18.09
C ASN A 205 -17.78 -3.89 19.08
N ASN A 206 -18.98 -3.33 19.25
CA ASN A 206 -19.95 -3.92 20.17
C ASN A 206 -19.42 -4.47 21.47
N GLY A 207 -18.69 -3.60 22.16
CA GLY A 207 -18.25 -3.88 23.51
C GLY A 207 -16.95 -4.63 23.68
N LYS A 208 -16.28 -4.94 22.55
CA LYS A 208 -15.01 -5.63 22.55
C LYS A 208 -14.00 -4.83 21.77
N ILE A 209 -12.80 -4.67 22.33
CA ILE A 209 -11.71 -3.98 21.61
C ILE A 209 -10.73 -5.02 21.15
N THR A 210 -10.38 -4.97 19.87
CA THR A 210 -9.34 -5.86 19.32
C THR A 210 -8.29 -5.00 18.62
N GLU A 211 -7.21 -5.64 18.19
CA GLU A 211 -6.00 -4.92 17.77
C GLU A 211 -5.40 -5.51 16.51
N ARG A 212 -5.18 -4.65 15.49
CA ARG A 212 -4.51 -5.05 14.27
C ARG A 212 -3.16 -4.38 14.24
N CYS A 213 -2.17 -5.07 13.71
CA CYS A 213 -0.75 -4.73 13.85
C CYS A 213 -0.05 -4.72 12.52
N TRP A 214 0.81 -3.74 12.28
CA TRP A 214 1.68 -3.69 11.13
C TRP A 214 3.10 -3.48 11.63
N ASP A 215 4.03 -4.29 11.15
CA ASP A 215 5.44 -4.15 11.47
C ASP A 215 6.30 -4.07 10.22
N GLY A 216 5.68 -3.78 9.08
CA GLY A 216 6.39 -3.63 7.82
C GLY A 216 6.01 -4.58 6.73
N LYS A 217 5.28 -5.64 7.05
CA LYS A 217 5.02 -6.70 6.03
C LYS A 217 3.66 -7.38 6.18
N GLY A 218 2.60 -6.62 6.33
CA GLY A 218 1.27 -7.20 6.40
C GLY A 218 0.64 -6.87 7.76
N TRP A 219 -0.67 -6.91 7.82
CA TRP A 219 -1.42 -6.67 9.02
C TRP A 219 -1.68 -8.01 9.68
N TYR A 220 -1.60 -8.06 10.99
CA TYR A 220 -1.95 -9.28 11.72
C TYR A 220 -2.73 -8.92 12.99
N THR A 221 -3.51 -9.88 13.47
CA THR A 221 -4.27 -9.68 14.68
C THR A 221 -3.41 -9.80 15.91
N GLY A 222 -3.41 -8.75 16.70
CA GLY A 222 -2.58 -8.69 17.87
C GLY A 222 -3.18 -9.39 19.08
N ALA A 223 -2.39 -9.43 20.12
CA ALA A 223 -2.73 -10.11 21.36
C ALA A 223 -3.75 -9.36 22.19
N PHE A 224 -3.93 -8.06 21.98
CA PHE A 224 -4.83 -7.29 22.83
C PHE A 224 -6.28 -7.66 22.57
N ASN A 225 -6.96 -7.99 23.64
CA ASN A 225 -8.36 -8.31 23.60
C ASN A 225 -8.98 -7.95 24.95
N GLU A 226 -9.73 -6.85 25.01
CA GLU A 226 -10.34 -6.38 26.26
C GLU A 226 -11.69 -5.76 25.99
N PRO A 227 -12.56 -5.75 27.01
CA PRO A 227 -13.85 -5.15 26.80
C PRO A 227 -13.73 -3.63 26.67
N GLY A 228 -14.63 -3.06 25.91
CA GLY A 228 -14.75 -1.62 25.80
C GLY A 228 -15.66 -1.22 24.67
N ASP A 229 -16.33 -0.10 24.86
CA ASP A 229 -17.13 0.57 23.84
C ASP A 229 -16.38 1.70 23.17
N ASN A 230 -15.34 2.19 23.84
CA ASN A 230 -14.54 3.31 23.37
C ASN A 230 -13.10 3.04 23.70
N VAL A 231 -12.22 3.50 22.83
CA VAL A 231 -10.79 3.30 23.00
C VAL A 231 -9.96 4.51 22.63
N SER A 232 -8.91 4.80 23.40
CA SER A 232 -7.84 5.71 22.98
C SER A 232 -6.52 5.02 23.28
N VAL A 233 -5.46 5.54 22.70
CA VAL A 233 -4.14 4.92 22.87
C VAL A 233 -3.07 5.98 22.80
N THR A 234 -1.97 5.73 23.48
CA THR A 234 -0.72 6.46 23.30
C THR A 234 0.46 5.52 23.49
N SER A 235 1.60 5.90 22.96
CA SER A 235 2.80 5.04 23.07
C SER A 235 4.05 5.89 23.09
N TRP A 236 5.12 5.33 23.66
CA TRP A 236 6.40 6.01 23.68
C TRP A 236 7.51 4.97 23.67
N LEU A 237 8.67 5.38 23.16
CA LEU A 237 9.90 4.55 23.19
C LEU A 237 10.80 4.94 24.34
N VAL A 238 11.46 3.91 24.90
CA VAL A 238 12.59 4.13 25.75
C VAL A 238 13.68 3.35 25.02
N GLY A 239 14.52 4.07 24.28
CA GLY A 239 15.47 3.43 23.39
C GLY A 239 14.72 2.70 22.31
N SER A 240 14.95 1.39 22.22
CA SER A 240 14.27 0.57 21.22
C SER A 240 12.99 -0.07 21.76
N ALA A 241 12.70 0.05 23.07
CA ALA A 241 11.56 -0.64 23.70
C ALA A 241 10.29 0.22 23.62
N ILE A 242 9.24 -0.33 23.04
CA ILE A 242 7.96 0.37 22.96
C ILE A 242 7.13 0.10 24.23
N HIS A 243 6.40 1.12 24.64
CA HIS A 243 5.48 1.09 25.72
C HIS A 243 4.18 1.64 25.19
N ILE A 244 3.07 0.92 25.38
CA ILE A 244 1.76 1.33 24.88
C ILE A 244 0.77 1.37 26.03
N ARG A 245 -0.09 2.37 26.04
CA ARG A 245 -1.19 2.43 26.97
C ARG A 245 -2.50 2.61 26.24
N VAL A 246 -3.43 1.69 26.45
CA VAL A 246 -4.72 1.67 25.85
C VAL A 246 -5.79 1.93 26.91
N TYR A 247 -6.63 2.93 26.67
CA TYR A 247 -7.65 3.35 27.63
C TYR A 247 -8.97 2.87 27.08
N ALA A 248 -9.53 1.85 27.75
CA ALA A 248 -10.73 1.15 27.32
C ALA A 248 -11.87 1.55 28.22
N SER A 249 -12.92 2.09 27.63
CA SER A 249 -14.07 2.53 28.43
C SER A 249 -15.33 1.75 28.11
N THR A 250 -16.00 1.35 29.17
CA THR A 250 -17.41 0.89 29.13
C THR A 250 -18.21 1.58 30.20
N GLY A 251 -19.35 2.25 29.93
CA GLY A 251 -19.97 3.11 30.94
C GLY A 251 -19.05 4.24 31.39
N THR A 252 -19.00 4.52 32.67
CA THR A 252 -18.05 5.53 33.16
C THR A 252 -16.82 4.87 33.66
N THR A 253 -16.61 3.59 33.28
CA THR A 253 -15.42 2.90 33.74
C THR A 253 -14.41 2.85 32.64
N THR A 254 -13.28 3.48 32.92
CA THR A 254 -12.12 3.44 32.01
C THR A 254 -11.03 2.61 32.70
N THR A 255 -10.52 1.63 31.97
CA THR A 255 -9.42 0.76 32.40
C THR A 255 -8.23 0.98 31.48
N GLU A 256 -7.08 1.19 32.06
CA GLU A 256 -5.83 1.29 31.33
C GLU A 256 -5.16 -0.06 31.22
N TRP A 257 -4.78 -0.40 29.99
CA TRP A 257 -4.05 -1.61 29.69
C TRP A 257 -2.68 -1.25 29.16
N CYS A 258 -1.70 -1.98 29.60
CA CYS A 258 -0.30 -1.63 29.44
C CYS A 258 0.46 -2.69 28.69
N TRP A 259 1.22 -2.29 27.69
CA TRP A 259 2.23 -3.12 27.07
C TRP A 259 3.60 -2.51 27.33
N ASP A 260 4.46 -3.30 27.94
CA ASP A 260 5.82 -2.91 28.29
C ASP A 260 6.78 -3.98 27.83
N GLY A 261 6.41 -4.71 26.80
CA GLY A 261 7.30 -5.69 26.21
C GLY A 261 7.01 -7.14 26.59
N ASN A 262 6.09 -7.35 27.52
CA ASN A 262 5.91 -8.70 28.10
C ASN A 262 4.44 -9.03 28.39
N GLY A 263 3.56 -8.75 27.44
CA GLY A 263 2.13 -9.00 27.60
C GLY A 263 1.35 -7.79 28.06
N TRP A 264 0.04 -7.89 27.99
CA TRP A 264 -0.85 -6.79 28.40
C TRP A 264 -1.26 -6.90 29.86
N THR A 265 -1.05 -5.82 30.62
CA THR A 265 -1.27 -5.83 32.05
C THR A 265 -2.12 -4.64 32.45
N LYS A 266 -2.71 -4.71 33.62
CA LYS A 266 -3.61 -3.66 34.07
C LYS A 266 -2.84 -2.54 34.69
N GLY A 267 -3.16 -1.33 34.26
CA GLY A 267 -2.49 -0.13 34.75
C GLY A 267 -3.12 0.49 35.97
N ALA A 268 -2.40 1.45 36.54
CA ALA A 268 -2.84 2.14 37.73
C ALA A 268 -3.90 3.22 37.49
N TYR A 269 -4.18 3.56 36.23
CA TYR A 269 -5.13 4.59 35.94
C TYR A 269 -6.44 4.37 36.65
N THR A 270 -6.90 5.43 37.27
CA THR A 270 -8.27 5.53 37.79
C THR A 270 -8.81 6.91 37.31
N ALA A 271 -10.12 7.00 37.22
CA ALA A 271 -10.86 8.28 37.05
C ALA A 271 -10.75 9.25 38.26
N THR A 272 -10.71 8.65 39.45
CA THR A 272 -10.97 9.30 40.71
C THR A 272 -11.82 10.56 40.61
N SER B 2 23.80 -9.57 -26.10
CA SER B 2 23.70 -10.94 -26.65
C SER B 2 22.32 -11.26 -27.24
N SER B 3 21.26 -10.50 -26.89
CA SER B 3 20.02 -10.57 -27.63
C SER B 3 19.17 -9.30 -27.48
N VAL B 4 18.23 -9.20 -28.37
CA VAL B 4 17.25 -8.16 -28.21
C VAL B 4 16.41 -8.56 -26.94
N GLN B 5 15.54 -7.66 -26.54
CA GLN B 5 14.69 -7.84 -25.41
C GLN B 5 13.27 -7.52 -25.85
N THR B 6 12.32 -8.37 -25.48
CA THR B 6 10.93 -8.19 -25.90
C THR B 6 9.95 -8.12 -24.77
N ALA B 7 8.76 -7.63 -25.09
CA ALA B 7 7.61 -7.62 -24.17
C ALA B 7 6.37 -7.86 -25.01
N ALA B 8 5.40 -8.58 -24.50
CA ALA B 8 4.23 -8.96 -25.27
C ALA B 8 2.96 -8.77 -24.48
N THR B 9 1.89 -8.43 -25.17
CA THR B 9 0.55 -8.37 -24.58
C THR B 9 -0.46 -8.85 -25.61
N SER B 10 -1.64 -9.22 -25.15
CA SER B 10 -2.69 -9.74 -26.07
C SER B 10 -4.04 -9.46 -25.47
N TRP B 11 -5.04 -9.43 -26.34
CA TRP B 11 -6.41 -9.18 -25.89
C TRP B 11 -7.40 -9.88 -26.77
N GLY B 12 -8.58 -10.12 -26.19
CA GLY B 12 -9.68 -10.74 -26.87
C GLY B 12 -9.43 -12.20 -27.19
N THR B 13 -10.23 -12.75 -28.09
CA THR B 13 -10.14 -14.17 -28.42
C THR B 13 -9.65 -14.42 -29.84
N VAL B 14 -9.46 -13.37 -30.63
CA VAL B 14 -8.94 -13.58 -31.97
C VAL B 14 -7.57 -14.29 -31.99
N PRO B 15 -6.57 -13.83 -31.23
CA PRO B 15 -6.50 -12.59 -30.46
C PRO B 15 -5.86 -11.45 -31.26
N SER B 16 -5.76 -10.30 -30.64
CA SER B 16 -4.76 -9.33 -31.03
C SER B 16 -3.56 -9.50 -30.10
N ILE B 17 -2.36 -9.39 -30.68
CA ILE B 17 -1.08 -9.46 -29.98
C ILE B 17 -0.25 -8.25 -30.38
N ARG B 18 0.46 -7.68 -29.43
CA ARG B 18 1.48 -6.66 -29.69
C ARG B 18 2.75 -7.13 -29.05
N VAL B 19 3.84 -7.15 -29.84
CA VAL B 19 5.15 -7.54 -29.35
C VAL B 19 6.08 -6.33 -29.51
N TYR B 20 6.71 -5.86 -28.46
CA TYR B 20 7.61 -4.69 -28.47
C TYR B 20 9.01 -5.23 -28.37
N THR B 21 9.93 -4.75 -29.20
CA THR B 21 11.31 -5.20 -29.18
C THR B 21 12.24 -4.03 -28.98
N ALA B 22 13.08 -4.11 -27.95
CA ALA B 22 14.16 -3.15 -27.74
C ALA B 22 15.42 -3.70 -28.37
N ASN B 23 15.93 -2.96 -29.35
CA ASN B 23 17.14 -3.35 -30.04
C ASN B 23 18.02 -2.13 -30.21
N ASN B 24 19.19 -2.20 -29.59
CA ASN B 24 20.15 -1.14 -29.64
C ASN B 24 19.54 0.24 -29.41
N GLY B 25 18.74 0.35 -28.36
CA GLY B 25 18.26 1.63 -27.91
C GLY B 25 16.99 2.13 -28.55
N LYS B 26 16.38 1.33 -29.44
CA LYS B 26 15.11 1.69 -30.06
C LYS B 26 14.10 0.60 -29.86
N ILE B 27 12.86 0.98 -29.54
CA ILE B 27 11.79 0.04 -29.35
C ILE B 27 10.81 0.18 -30.51
N THR B 28 10.55 -0.93 -31.17
CA THR B 28 9.55 -0.98 -32.22
C THR B 28 8.49 -2.02 -31.87
N GLU B 29 7.46 -2.12 -32.69
CA GLU B 29 6.24 -2.87 -32.38
C GLU B 29 5.83 -3.70 -33.56
N ARG B 30 5.50 -4.96 -33.33
CA ARG B 30 4.87 -5.84 -34.33
C ARG B 30 3.51 -6.26 -33.81
N CYS B 31 2.57 -6.38 -34.72
CA CYS B 31 1.17 -6.47 -34.42
C CYS B 31 0.55 -7.64 -35.14
N TRP B 32 -0.33 -8.36 -34.44
CA TRP B 32 -1.19 -9.39 -35.01
C TRP B 32 -2.62 -9.11 -34.64
N ASP B 33 -3.51 -9.11 -35.61
CA ASP B 33 -4.93 -8.95 -35.39
C ASP B 33 -5.74 -10.07 -36.03
N GLY B 34 -5.09 -11.19 -36.30
CA GLY B 34 -5.75 -12.39 -36.82
C GLY B 34 -5.31 -12.82 -38.18
N LYS B 35 -4.55 -12.02 -38.92
CA LYS B 35 -4.27 -12.29 -40.35
C LYS B 35 -2.91 -11.76 -40.77
N GLY B 36 -1.89 -12.05 -40.02
CA GLY B 36 -0.54 -11.63 -40.37
C GLY B 36 0.04 -10.59 -39.41
N TRP B 37 1.35 -10.52 -39.38
CA TRP B 37 2.11 -9.57 -38.58
C TRP B 37 2.38 -8.32 -39.36
N TYR B 38 2.29 -7.18 -38.72
CA TYR B 38 2.61 -5.92 -39.36
C TYR B 38 3.29 -4.99 -38.37
N THR B 39 4.02 -4.03 -38.92
CA THR B 39 4.76 -3.08 -38.09
C THR B 39 3.84 -2.00 -37.59
N GLY B 40 3.80 -1.83 -36.28
CA GLY B 40 2.91 -0.90 -35.64
C GLY B 40 3.43 0.52 -35.64
N ALA B 41 2.59 1.43 -35.18
CA ALA B 41 2.94 2.85 -35.11
C ALA B 41 3.94 3.17 -34.00
N PHE B 42 4.09 2.32 -33.00
CA PHE B 42 4.92 2.63 -31.86
C PHE B 42 6.39 2.61 -32.24
N ASN B 43 7.07 3.72 -31.97
CA ASN B 43 8.50 3.83 -32.19
C ASN B 43 9.04 4.84 -31.21
N GLU B 44 9.77 4.36 -30.20
CA GLU B 44 10.29 5.21 -29.16
C GLU B 44 11.65 4.70 -28.70
N PRO B 45 12.48 5.62 -28.16
CA PRO B 45 13.75 5.19 -27.61
C PRO B 45 13.58 4.30 -26.38
N GLY B 46 14.49 3.36 -26.21
CA GLY B 46 14.55 2.55 -25.02
C GLY B 46 15.49 1.39 -25.17
N ASP B 47 16.18 1.06 -24.08
CA ASP B 47 17.00 -0.13 -23.98
C ASP B 47 16.25 -1.28 -23.43
N ASN B 48 15.14 -0.99 -22.71
CA ASN B 48 14.35 -2.02 -22.06
C ASN B 48 12.90 -1.61 -22.23
N VAL B 49 12.06 -2.61 -22.32
CA VAL B 49 10.63 -2.45 -22.47
C VAL B 49 9.81 -3.43 -21.66
N SER B 50 8.70 -2.95 -21.09
CA SER B 50 7.64 -3.82 -20.57
C SER B 50 6.30 -3.25 -21.03
N VAL B 51 5.25 -4.06 -20.92
CA VAL B 51 3.94 -3.64 -21.41
C VAL B 51 2.84 -4.29 -20.59
N THR B 52 1.72 -3.60 -20.47
CA THR B 52 0.46 -4.15 -20.00
C THR B 52 -0.67 -3.56 -20.82
N SER B 53 -1.80 -4.21 -20.84
CA SER B 53 -2.95 -3.70 -21.53
C SER B 53 -4.23 -4.14 -20.86
N TRP B 54 -5.33 -3.46 -21.19
CA TRP B 54 -6.65 -3.82 -20.68
C TRP B 54 -7.68 -3.28 -21.65
N LEU B 55 -8.84 -3.96 -21.67
CA LEU B 55 -10.00 -3.53 -22.47
C LEU B 55 -10.98 -2.77 -21.60
N VAL B 56 -11.61 -1.79 -22.21
CA VAL B 56 -12.84 -1.19 -21.71
C VAL B 56 -13.84 -1.36 -22.83
N GLY B 57 -14.82 -2.24 -22.61
CA GLY B 57 -15.65 -2.67 -23.72
C GLY B 57 -14.77 -3.29 -24.81
N SER B 58 -14.90 -2.77 -26.01
CA SER B 58 -14.11 -3.25 -27.14
C SER B 58 -12.84 -2.45 -27.38
N ALA B 59 -12.61 -1.40 -26.58
CA ALA B 59 -11.49 -0.52 -26.75
C ALA B 59 -10.27 -0.97 -25.94
N ILE B 60 -9.15 -1.16 -26.64
CA ILE B 60 -7.89 -1.52 -26.00
C ILE B 60 -7.15 -0.28 -25.48
N HIS B 61 -6.53 -0.44 -24.32
CA HIS B 61 -5.67 0.55 -23.70
C HIS B 61 -4.35 -0.16 -23.44
N ILE B 62 -3.24 0.40 -23.90
CA ILE B 62 -1.92 -0.21 -23.77
C ILE B 62 -1.02 0.78 -23.06
N ARG B 63 -0.17 0.29 -22.17
CA ARG B 63 0.87 1.07 -21.54
C ARG B 63 2.19 0.37 -21.71
N VAL B 64 3.12 1.06 -22.34
CA VAL B 64 4.46 0.60 -22.63
C VAL B 64 5.46 1.42 -21.80
N TYR B 65 6.30 0.72 -21.04
CA TYR B 65 7.27 1.37 -20.14
C TYR B 65 8.62 1.22 -20.78
N ALA B 66 9.17 2.32 -21.26
CA ALA B 66 10.40 2.35 -22.04
C ALA B 66 11.50 2.98 -21.21
N SER B 67 12.54 2.23 -20.99
CA SER B 67 13.64 2.73 -20.14
C SER B 67 14.91 2.95 -20.96
N THR B 68 15.44 4.15 -20.92
CA THR B 68 16.69 4.43 -21.68
C THR B 68 17.78 4.69 -20.71
N GLY B 69 18.92 5.16 -21.20
CA GLY B 69 20.01 5.51 -20.28
C GLY B 69 19.65 6.67 -19.36
N THR B 70 18.61 7.42 -19.71
CA THR B 70 18.23 8.62 -18.99
C THR B 70 16.89 8.61 -18.18
N THR B 71 16.11 7.50 -18.14
CA THR B 71 14.84 7.39 -17.31
C THR B 71 13.77 6.38 -17.89
N THR B 72 12.69 6.08 -17.11
CA THR B 72 11.52 5.26 -17.61
C THR B 72 10.37 6.18 -18.04
N THR B 73 9.95 6.12 -19.31
CA THR B 73 8.81 6.85 -19.84
C THR B 73 7.67 5.89 -20.13
N GLU B 74 6.48 6.27 -19.74
CA GLU B 74 5.26 5.51 -20.05
C GLU B 74 4.64 6.07 -21.32
N TRP B 75 4.41 5.21 -22.29
CA TRP B 75 3.70 5.57 -23.53
C TRP B 75 2.35 4.90 -23.52
N CYS B 76 1.35 5.62 -23.92
CA CYS B 76 -0.04 5.26 -23.78
C CYS B 76 -0.74 5.17 -25.12
N TRP B 77 -1.46 4.09 -25.32
CA TRP B 77 -2.42 3.97 -26.42
C TRP B 77 -3.80 3.86 -25.81
N ASP B 78 -4.70 4.77 -26.20
CA ASP B 78 -6.06 4.78 -25.75
C ASP B 78 -6.98 4.92 -26.94
N GLY B 79 -6.54 4.46 -28.11
CA GLY B 79 -7.42 4.46 -29.29
C GLY B 79 -7.08 5.52 -30.31
N ASN B 80 -6.17 6.43 -29.99
CA ASN B 80 -5.99 7.64 -30.79
C ASN B 80 -4.56 8.13 -30.86
N GLY B 81 -3.62 7.21 -31.05
CA GLY B 81 -2.19 7.54 -31.12
C GLY B 81 -1.45 7.29 -29.83
N TRP B 82 -0.15 7.36 -29.88
CA TRP B 82 0.67 7.11 -28.71
C TRP B 82 1.01 8.41 -28.03
N THR B 83 0.77 8.46 -26.72
CA THR B 83 0.89 9.69 -25.97
C THR B 83 1.69 9.47 -24.72
N LYS B 84 2.14 10.55 -24.13
CA LYS B 84 3.02 10.44 -22.96
C LYS B 84 2.18 10.35 -21.72
N GLY B 85 2.50 9.34 -20.89
CA GLY B 85 1.79 9.14 -19.63
C GLY B 85 2.34 9.84 -18.43
N ALA B 86 1.61 9.80 -17.34
CA ALA B 86 1.96 10.48 -16.10
C ALA B 86 3.01 9.75 -15.28
N TYR B 87 3.33 8.51 -15.63
CA TYR B 87 4.31 7.75 -14.87
C TYR B 87 5.62 8.45 -14.70
N THR B 88 6.04 8.46 -13.43
CA THR B 88 7.34 8.86 -12.97
C THR B 88 7.82 7.78 -11.98
N SER B 89 9.12 7.74 -11.78
CA SER B 89 9.73 6.86 -10.80
C SER B 89 11.11 7.40 -10.43
N PRO B 93 20.54 4.60 -15.74
CA PRO B 93 20.62 3.64 -16.83
C PRO B 93 20.44 2.23 -16.33
N GLY B 94 19.88 1.40 -17.20
CA GLY B 94 19.95 -0.01 -17.07
C GLY B 94 18.73 -0.58 -16.38
N ASP B 95 17.73 0.26 -16.10
CA ASP B 95 16.50 -0.23 -15.41
C ASP B 95 15.93 -1.39 -16.23
N GLN B 96 15.32 -2.35 -15.56
CA GLN B 96 14.55 -3.41 -16.19
C GLN B 96 13.21 -3.42 -15.51
N THR B 97 12.13 -3.36 -16.28
CA THR B 97 10.82 -3.27 -15.67
C THR B 97 9.89 -4.42 -16.02
N ALA B 98 8.81 -4.55 -15.26
CA ALA B 98 7.75 -5.52 -15.50
C ALA B 98 6.47 -4.83 -15.08
N ALA B 99 5.38 -5.04 -15.79
CA ALA B 99 4.11 -4.36 -15.50
C ALA B 99 2.94 -5.33 -15.50
N THR B 100 1.93 -5.02 -14.73
CA THR B 100 0.67 -5.74 -14.73
C THR B 100 -0.46 -4.74 -14.43
N SER B 101 -1.67 -5.11 -14.77
CA SER B 101 -2.84 -4.27 -14.56
C SER B 101 -4.04 -5.11 -14.34
N TRP B 102 -5.06 -4.54 -13.70
CA TRP B 102 -6.32 -5.23 -13.49
C TRP B 102 -7.47 -4.28 -13.42
N GLY B 103 -8.64 -4.87 -13.72
CA GLY B 103 -9.89 -4.12 -13.74
C GLY B 103 -9.95 -3.09 -14.88
N THR B 104 -10.87 -2.16 -14.75
CA THR B 104 -11.13 -1.15 -15.79
C THR B 104 -10.83 0.25 -15.35
N VAL B 105 -10.42 0.46 -14.10
CA VAL B 105 -10.01 1.80 -13.67
C VAL B 105 -8.86 2.31 -14.55
N PRO B 106 -7.80 1.55 -14.77
CA PRO B 106 -7.40 0.31 -14.11
C PRO B 106 -6.54 0.59 -12.90
N SER B 107 -6.15 -0.49 -12.20
CA SER B 107 -4.98 -0.43 -11.37
C SER B 107 -3.78 -0.97 -12.15
N ILE B 108 -2.65 -0.37 -11.99
CA ILE B 108 -1.39 -0.79 -12.65
C ILE B 108 -0.31 -0.88 -11.58
N ARG B 109 0.56 -1.88 -11.73
CA ARG B 109 1.79 -1.98 -10.92
C ARG B 109 2.94 -2.12 -11.84
N VAL B 110 3.97 -1.33 -11.64
CA VAL B 110 5.19 -1.37 -12.39
C VAL B 110 6.34 -1.65 -11.47
N TYR B 111 7.11 -2.68 -11.76
CA TYR B 111 8.23 -3.11 -10.95
C TYR B 111 9.51 -2.86 -11.71
N THR B 112 10.43 -2.23 -10.99
CA THR B 112 11.71 -1.86 -11.54
C THR B 112 12.86 -2.49 -10.78
N ALA B 113 13.67 -3.24 -11.51
CA ALA B 113 14.93 -3.76 -11.00
C ALA B 113 16.05 -2.82 -11.39
N ASN B 114 16.81 -2.37 -10.39
CA ASN B 114 18.09 -1.73 -10.66
C ASN B 114 18.95 -1.73 -9.42
N ASN B 115 20.22 -1.88 -9.66
CA ASN B 115 21.20 -1.86 -8.57
C ASN B 115 20.86 -2.94 -7.55
N GLY B 116 20.32 -4.07 -8.04
CA GLY B 116 20.08 -5.24 -7.19
C GLY B 116 18.83 -5.22 -6.34
N LYS B 117 17.98 -4.22 -6.51
CA LYS B 117 16.76 -4.12 -5.78
C LYS B 117 15.61 -3.90 -6.75
N ILE B 118 14.46 -4.44 -6.38
CA ILE B 118 13.23 -4.22 -7.10
C ILE B 118 12.29 -3.40 -6.23
N THR B 119 11.73 -2.37 -6.81
CA THR B 119 10.74 -1.52 -6.18
C THR B 119 9.52 -1.39 -7.08
N GLU B 120 8.47 -0.76 -6.60
CA GLU B 120 7.14 -0.81 -7.18
C GLU B 120 6.50 0.59 -7.20
N ARG B 121 5.93 0.92 -8.34
CA ARG B 121 5.11 2.13 -8.50
C ARG B 121 3.72 1.70 -8.87
N CYS B 122 2.73 2.39 -8.34
CA CYS B 122 1.35 1.96 -8.32
C CYS B 122 0.44 3.04 -8.84
N TRP B 123 -0.57 2.65 -9.61
CA TRP B 123 -1.64 3.50 -10.05
C TRP B 123 -2.95 2.85 -9.72
N ASP B 124 -3.81 3.59 -9.03
CA ASP B 124 -5.13 3.11 -8.71
C ASP B 124 -6.21 4.14 -9.19
N GLY B 125 -5.84 4.96 -10.14
CA GLY B 125 -6.76 5.90 -10.75
C GLY B 125 -6.54 7.36 -10.42
N LYS B 126 -5.68 7.64 -9.45
CA LYS B 126 -5.60 9.00 -8.86
C LYS B 126 -4.16 9.33 -8.52
N GLY B 127 -3.25 9.06 -9.43
CA GLY B 127 -1.85 9.42 -9.31
C GLY B 127 -0.97 8.21 -8.96
N TRP B 128 0.25 8.30 -9.43
CA TRP B 128 1.24 7.29 -9.15
C TRP B 128 1.80 7.46 -7.74
N TYR B 129 2.07 6.35 -7.09
CA TYR B 129 2.67 6.34 -5.76
C TYR B 129 3.56 5.12 -5.55
N THR B 130 4.43 5.20 -4.58
CA THR B 130 5.37 4.12 -4.28
C THR B 130 4.69 3.02 -3.46
N GLY B 131 4.78 1.78 -3.93
CA GLY B 131 4.09 0.66 -3.28
C GLY B 131 4.95 -0.01 -2.20
N ALA B 132 4.35 -0.94 -1.49
CA ALA B 132 5.02 -1.68 -0.41
C ALA B 132 6.14 -2.61 -0.89
N PHE B 133 6.08 -3.05 -2.13
CA PHE B 133 7.00 -4.07 -2.59
C PHE B 133 8.44 -3.60 -2.61
N ASN B 134 9.31 -4.35 -1.95
CA ASN B 134 10.70 -4.04 -1.97
C ASN B 134 11.48 -5.33 -1.68
N GLU B 135 12.20 -5.84 -2.68
CA GLU B 135 12.90 -7.09 -2.55
C GLU B 135 14.14 -7.09 -3.39
N PRO B 136 15.15 -7.90 -3.00
CA PRO B 136 16.35 -8.02 -3.82
C PRO B 136 16.05 -8.65 -5.17
N GLY B 137 16.74 -8.19 -6.20
CA GLY B 137 16.65 -8.80 -7.49
C GLY B 137 17.37 -7.97 -8.55
N ASP B 138 17.94 -8.69 -9.50
CA ASP B 138 18.54 -8.12 -10.69
C ASP B 138 17.61 -8.17 -11.91
N ASN B 139 16.59 -9.00 -11.83
CA ASN B 139 15.65 -9.20 -12.92
C ASN B 139 14.30 -9.45 -12.30
N VAL B 140 13.24 -8.99 -12.95
CA VAL B 140 11.89 -9.13 -12.45
C VAL B 140 10.92 -9.47 -13.57
N SER B 141 9.94 -10.32 -13.25
CA SER B 141 8.76 -10.50 -14.08
C SER B 141 7.57 -10.56 -13.15
N VAL B 142 6.37 -10.40 -13.69
CA VAL B 142 5.15 -10.35 -12.91
C VAL B 142 3.99 -10.93 -13.66
N THR B 143 3.02 -11.48 -12.94
CA THR B 143 1.70 -11.80 -13.43
C THR B 143 0.70 -11.53 -12.32
N SER B 144 -0.55 -11.35 -12.67
CA SER B 144 -1.62 -11.14 -11.70
C SER B 144 -2.93 -11.65 -12.23
N TRP B 145 -3.87 -11.88 -11.34
CA TRP B 145 -5.19 -12.32 -11.72
C TRP B 145 -6.19 -11.89 -10.63
N LEU B 146 -7.43 -11.77 -11.06
CA LEU B 146 -8.56 -11.56 -10.17
C LEU B 146 -9.32 -12.83 -9.83
N VAL B 147 -9.76 -12.92 -8.60
CA VAL B 147 -10.75 -13.93 -8.22
C VAL B 147 -11.84 -13.05 -7.65
N GLY B 148 -12.97 -13.01 -8.35
CA GLY B 148 -14.00 -12.02 -8.02
C GLY B 148 -13.43 -10.62 -8.06
N SER B 149 -13.44 -9.91 -6.93
CA SER B 149 -12.84 -8.56 -6.88
C SER B 149 -11.42 -8.50 -6.28
N ALA B 150 -10.87 -9.64 -5.87
CA ALA B 150 -9.60 -9.66 -5.13
C ALA B 150 -8.43 -9.90 -6.06
N ILE B 151 -7.45 -9.00 -6.02
CA ILE B 151 -6.24 -9.14 -6.83
C ILE B 151 -5.23 -10.07 -6.16
N HIS B 152 -4.57 -10.84 -7.00
CA HIS B 152 -3.46 -11.70 -6.62
C HIS B 152 -2.33 -11.40 -7.54
N ILE B 153 -1.19 -11.07 -7.00
CA ILE B 153 0.01 -10.71 -7.78
C ILE B 153 1.11 -11.69 -7.47
N ARG B 154 1.87 -12.10 -8.48
CA ARG B 154 3.07 -12.89 -8.28
C ARG B 154 4.25 -12.20 -8.96
N VAL B 155 5.28 -11.87 -8.20
CA VAL B 155 6.48 -11.21 -8.70
C VAL B 155 7.63 -12.20 -8.59
N TYR B 156 8.35 -12.42 -9.68
CA TYR B 156 9.47 -13.36 -9.76
C TYR B 156 10.74 -12.54 -9.80
N ALA B 157 11.46 -12.58 -8.68
CA ALA B 157 12.65 -11.76 -8.46
C ALA B 157 13.87 -12.66 -8.54
N SER B 158 14.77 -12.41 -9.48
CA SER B 158 15.96 -13.25 -9.63
C SER B 158 17.20 -12.48 -9.21
N THR B 159 17.94 -13.08 -8.32
CA THR B 159 19.25 -12.58 -7.88
C THR B 159 20.27 -13.49 -8.46
N GLY B 160 21.53 -13.25 -8.12
CA GLY B 160 22.57 -14.17 -8.52
C GLY B 160 22.19 -15.66 -8.33
N THR B 161 21.68 -15.99 -7.15
CA THR B 161 21.49 -17.38 -6.69
C THR B 161 20.14 -17.99 -7.08
N THR B 162 19.06 -17.23 -6.95
CA THR B 162 17.77 -17.84 -6.91
C THR B 162 16.71 -16.92 -7.54
N THR B 163 15.66 -17.51 -8.05
CA THR B 163 14.42 -16.78 -8.34
C THR B 163 13.47 -17.02 -7.19
N THR B 164 13.06 -15.97 -6.50
CA THR B 164 12.11 -16.05 -5.43
C THR B 164 10.80 -15.50 -5.92
N GLU B 165 9.71 -16.17 -5.63
CA GLU B 165 8.36 -15.66 -5.90
C GLU B 165 7.81 -14.93 -4.71
N TRP B 166 7.33 -13.71 -4.92
CA TRP B 166 6.69 -12.88 -3.92
C TRP B 166 5.22 -12.74 -4.26
N CYS B 167 4.35 -12.91 -3.28
CA CYS B 167 2.94 -13.05 -3.46
C CYS B 167 2.21 -11.95 -2.73
N TRP B 168 1.28 -11.34 -3.41
CA TRP B 168 0.35 -10.41 -2.82
C TRP B 168 -1.01 -11.03 -2.97
N ASP B 169 -1.73 -11.23 -1.86
CA ASP B 169 -3.08 -11.82 -1.87
C ASP B 169 -4.01 -11.07 -0.95
N GLY B 170 -3.75 -9.78 -0.81
CA GLY B 170 -4.63 -8.89 -0.06
C GLY B 170 -4.10 -8.34 1.24
N ASN B 171 -2.92 -8.80 1.66
CA ASN B 171 -2.39 -8.44 2.97
C ASN B 171 -0.86 -8.69 3.12
N GLY B 172 -0.09 -7.85 2.49
CA GLY B 172 1.32 -7.87 2.56
C GLY B 172 1.92 -8.88 1.63
N TRP B 173 3.17 -8.71 1.31
CA TRP B 173 3.85 -9.60 0.42
C TRP B 173 4.39 -10.78 1.22
N THR B 174 4.28 -11.96 0.62
CA THR B 174 4.71 -13.19 1.28
C THR B 174 5.53 -14.02 0.34
N LYS B 175 6.38 -14.87 0.89
CA LYS B 175 7.29 -15.70 0.08
C LYS B 175 6.56 -16.91 -0.45
N GLY B 176 6.50 -17.05 -1.76
CA GLY B 176 5.80 -18.17 -2.36
C GLY B 176 6.60 -19.45 -2.55
N ALA B 177 5.93 -20.46 -3.04
CA ALA B 177 6.48 -21.82 -3.14
C ALA B 177 7.32 -22.05 -4.37
N TYR B 178 7.32 -21.10 -5.31
CA TYR B 178 8.11 -21.30 -6.51
C TYR B 178 9.56 -21.63 -6.23
N THR B 179 10.03 -22.66 -6.95
CA THR B 179 11.44 -22.95 -7.03
C THR B 179 11.77 -23.24 -8.49
N SER B 180 13.04 -23.07 -8.82
CA SER B 180 13.62 -23.45 -10.10
C SER B 180 15.13 -23.70 -9.91
N SER B 181 15.74 -24.15 -10.99
CA SER B 181 17.20 -24.21 -11.07
C SER B 181 17.69 -23.09 -12.00
N THR B 182 18.39 -22.10 -11.43
CA THR B 182 18.87 -20.93 -12.17
C THR B 182 20.38 -20.75 -12.12
N VAL B 183 20.82 -19.91 -13.04
CA VAL B 183 22.20 -19.43 -13.16
C VAL B 183 22.16 -17.91 -12.91
N PRO B 184 23.30 -17.32 -12.50
CA PRO B 184 23.30 -15.87 -12.30
C PRO B 184 23.01 -15.17 -13.64
N GLY B 185 22.17 -14.15 -13.61
CA GLY B 185 21.81 -13.39 -14.78
C GLY B 185 20.58 -13.93 -15.47
N ASP B 186 19.89 -14.89 -14.87
CA ASP B 186 18.71 -15.41 -15.52
C ASP B 186 17.61 -14.35 -15.69
N GLN B 187 16.79 -14.59 -16.66
N GLN B 187 16.85 -14.51 -16.75
CA GLN B 187 15.77 -13.63 -17.06
CA GLN B 187 15.78 -13.59 -17.12
C GLN B 187 14.49 -14.41 -17.15
C GLN B 187 14.49 -14.41 -17.17
N THR B 188 13.41 -13.90 -16.56
CA THR B 188 12.17 -14.65 -16.53
C THR B 188 11.02 -13.90 -17.20
N ALA B 189 9.95 -14.62 -17.46
CA ALA B 189 8.68 -14.09 -17.96
C ALA B 189 7.58 -14.96 -17.38
N ALA B 190 6.43 -14.42 -17.09
CA ALA B 190 5.35 -15.15 -16.43
C ALA B 190 4.00 -14.83 -17.02
N THR B 191 3.11 -15.82 -17.02
CA THR B 191 1.74 -15.64 -17.43
C THR B 191 0.84 -16.49 -16.57
N SER B 192 -0.44 -16.16 -16.49
CA SER B 192 -1.40 -16.89 -15.65
C SER B 192 -2.76 -16.84 -16.26
N TRP B 193 -3.58 -17.82 -15.94
CA TRP B 193 -4.96 -17.83 -16.41
C TRP B 193 -5.86 -18.58 -15.45
N GLY B 194 -7.16 -18.25 -15.55
CA GLY B 194 -8.21 -18.91 -14.81
C GLY B 194 -8.23 -18.51 -13.36
N THR B 195 -8.97 -19.29 -12.57
CA THR B 195 -9.20 -18.97 -11.19
C THR B 195 -8.39 -19.81 -10.23
N VAL B 196 -7.74 -20.87 -10.71
CA VAL B 196 -7.02 -21.74 -9.85
C VAL B 196 -5.89 -20.99 -9.12
N PRO B 197 -5.01 -20.26 -9.83
CA PRO B 197 -4.87 -20.18 -11.27
C PRO B 197 -3.87 -21.22 -11.78
N SER B 198 -3.70 -21.27 -13.09
CA SER B 198 -2.50 -21.83 -13.67
C SER B 198 -1.49 -20.72 -13.89
N ILE B 199 -0.22 -21.00 -13.63
CA ILE B 199 0.86 -20.06 -13.87
C ILE B 199 1.91 -20.79 -14.70
N ARG B 200 2.56 -20.08 -15.63
CA ARG B 200 3.73 -20.59 -16.30
C ARG B 200 4.85 -19.56 -16.16
N VAL B 201 6.03 -19.97 -15.73
CA VAL B 201 7.17 -19.11 -15.59
C VAL B 201 8.28 -19.63 -16.48
N TYR B 202 8.75 -18.81 -17.38
CA TYR B 202 9.82 -19.15 -18.35
C TYR B 202 11.07 -18.51 -17.88
N THR B 203 12.18 -19.27 -17.86
CA THR B 203 13.48 -18.76 -17.45
C THR B 203 14.50 -19.00 -18.52
N ALA B 204 15.17 -17.93 -18.97
CA ALA B 204 16.33 -18.05 -19.88
C ALA B 204 17.61 -18.09 -19.02
N ASN B 205 18.32 -19.21 -19.11
CA ASN B 205 19.52 -19.49 -18.29
C ASN B 205 20.58 -19.91 -19.28
N ASN B 206 21.66 -19.12 -19.43
CA ASN B 206 22.76 -19.52 -20.30
C ASN B 206 22.34 -20.07 -21.68
N GLY B 207 21.42 -19.38 -22.33
CA GLY B 207 21.02 -19.67 -23.70
C GLY B 207 19.91 -20.69 -23.87
N LYS B 208 19.36 -21.19 -22.77
CA LYS B 208 18.27 -22.14 -22.81
C LYS B 208 17.08 -21.61 -22.01
N ILE B 209 15.88 -21.71 -22.59
CA ILE B 209 14.65 -21.38 -21.86
C ILE B 209 13.97 -22.66 -21.46
N THR B 210 13.59 -22.71 -20.17
CA THR B 210 12.85 -23.79 -19.61
C THR B 210 11.62 -23.21 -18.89
N GLU B 211 10.69 -24.08 -18.50
CA GLU B 211 9.38 -23.68 -18.04
C GLU B 211 9.02 -24.38 -16.74
N ARG B 212 8.50 -23.62 -15.79
CA ARG B 212 7.94 -24.13 -14.54
C ARG B 212 6.47 -23.82 -14.50
N CYS B 213 5.69 -24.77 -13.99
CA CYS B 213 4.28 -24.77 -14.07
C CYS B 213 3.59 -24.95 -12.74
N TRP B 214 2.51 -24.21 -12.53
CA TRP B 214 1.63 -24.37 -11.37
C TRP B 214 0.22 -24.53 -11.91
N ASP B 215 -0.42 -25.59 -11.51
CA ASP B 215 -1.79 -25.88 -11.83
C ASP B 215 -2.60 -26.09 -10.56
N GLY B 216 -2.20 -25.53 -9.44
CA GLY B 216 -2.95 -25.59 -8.19
C GLY B 216 -2.40 -26.51 -7.13
N LYS B 217 -1.42 -27.36 -7.50
CA LYS B 217 -1.02 -28.47 -6.65
C LYS B 217 0.48 -28.71 -6.69
N GLY B 218 1.26 -27.68 -6.78
CA GLY B 218 2.70 -27.81 -6.76
C GLY B 218 3.31 -27.36 -8.08
N TRP B 219 4.58 -27.01 -8.01
CA TRP B 219 5.36 -26.58 -9.19
C TRP B 219 6.01 -27.80 -9.84
N TYR B 220 5.89 -27.90 -11.16
CA TYR B 220 6.53 -28.95 -11.94
C TYR B 220 7.23 -28.34 -13.15
N THR B 221 8.07 -29.10 -13.78
CA THR B 221 8.80 -28.68 -14.97
C THR B 221 7.98 -29.03 -16.20
N GLY B 222 7.68 -28.03 -16.99
CA GLY B 222 6.86 -28.19 -18.17
C GLY B 222 7.58 -28.74 -19.37
N ALA B 223 6.82 -28.96 -20.44
CA ALA B 223 7.36 -29.51 -21.67
C ALA B 223 8.21 -28.54 -22.48
N PHE B 224 8.07 -27.22 -22.27
CA PHE B 224 8.76 -26.24 -23.10
C PHE B 224 10.27 -26.24 -22.86
N ASN B 225 11.03 -26.42 -23.94
CA ASN B 225 12.46 -26.29 -23.92
C ASN B 225 12.90 -25.76 -25.27
N GLU B 226 13.37 -24.52 -25.30
CA GLU B 226 13.79 -23.88 -26.53
C GLU B 226 14.95 -22.93 -26.23
N PRO B 227 15.82 -22.74 -27.25
CA PRO B 227 16.91 -21.82 -27.10
C PRO B 227 16.46 -20.37 -26.92
N GLY B 228 17.18 -19.64 -26.10
CA GLY B 228 17.01 -18.22 -25.95
C GLY B 228 17.80 -17.64 -24.80
N ASP B 229 18.14 -16.37 -24.97
CA ASP B 229 18.78 -15.56 -23.95
C ASP B 229 17.80 -14.64 -23.26
N ASN B 230 16.68 -14.36 -23.92
CA ASN B 230 15.64 -13.49 -23.41
C ASN B 230 14.31 -14.10 -23.78
N VAL B 231 13.33 -13.85 -22.94
CA VAL B 231 12.01 -14.40 -23.11
C VAL B 231 10.94 -13.41 -22.69
N SER B 232 9.84 -13.41 -23.45
CA SER B 232 8.58 -12.78 -23.02
C SER B 232 7.44 -13.72 -23.33
N VAL B 233 6.28 -13.50 -22.75
CA VAL B 233 5.15 -14.38 -22.92
C VAL B 233 3.86 -13.61 -22.81
N THR B 234 2.85 -14.10 -23.52
CA THR B 234 1.46 -13.72 -23.35
C THR B 234 0.55 -14.92 -23.52
N SER B 235 -0.66 -14.86 -23.01
CA SER B 235 -1.62 -15.94 -23.15
C SER B 235 -3.01 -15.40 -23.13
N TRP B 236 -3.93 -16.19 -23.68
CA TRP B 236 -5.34 -15.91 -23.70
C TRP B 236 -6.12 -17.17 -23.72
N LEU B 237 -7.36 -17.04 -23.23
CA LEU B 237 -8.33 -18.14 -23.24
C LEU B 237 -9.30 -17.98 -24.39
N VAL B 238 -9.68 -19.11 -24.99
CA VAL B 238 -10.86 -19.17 -25.83
C VAL B 238 -11.75 -20.20 -25.12
N GLY B 239 -12.74 -19.70 -24.40
CA GLY B 239 -13.50 -20.55 -23.49
C GLY B 239 -12.58 -21.07 -22.39
N SER B 240 -12.47 -22.39 -22.28
CA SER B 240 -11.61 -23.00 -21.27
C SER B 240 -10.22 -23.36 -21.84
N ALA B 241 -9.99 -23.13 -23.13
CA ALA B 241 -8.76 -23.53 -23.75
C ALA B 241 -7.73 -22.41 -23.72
N ILE B 242 -6.56 -22.69 -23.14
CA ILE B 242 -5.44 -21.74 -23.08
C ILE B 242 -4.62 -21.75 -24.35
N HIS B 243 -4.21 -20.57 -24.75
CA HIS B 243 -3.29 -20.37 -25.85
C HIS B 243 -2.15 -19.56 -25.32
N ILE B 244 -0.92 -19.97 -25.58
CA ILE B 244 0.29 -19.31 -25.07
C ILE B 244 1.20 -18.96 -26.20
N ARG B 245 1.80 -17.79 -26.15
CA ARG B 245 2.85 -17.41 -27.09
C ARG B 245 4.07 -16.98 -26.31
N VAL B 246 5.20 -17.66 -26.58
CA VAL B 246 6.47 -17.36 -25.95
C VAL B 246 7.39 -16.80 -27.03
N TYR B 247 7.98 -15.64 -26.76
CA TYR B 247 8.90 -14.99 -27.69
C TYR B 247 10.32 -15.19 -27.16
N ALA B 248 11.08 -16.05 -27.82
CA ALA B 248 12.42 -16.42 -27.42
C ALA B 248 13.44 -15.70 -28.29
N SER B 249 14.32 -14.94 -27.68
CA SER B 249 15.32 -14.21 -28.44
C SER B 249 16.73 -14.67 -28.15
N THR B 250 17.47 -14.91 -29.22
CA THR B 250 18.99 -15.02 -29.21
C THR B 250 19.57 -14.15 -30.29
N GLY B 251 20.49 -13.19 -29.96
CA GLY B 251 21.00 -12.28 -30.98
C GLY B 251 19.94 -11.37 -31.51
N THR B 252 19.66 -11.24 -32.73
CA THR B 252 18.58 -10.35 -33.17
C THR B 252 17.48 -11.24 -33.66
N THR B 253 17.54 -12.53 -33.26
CA THR B 253 16.56 -13.44 -33.75
C THR B 253 15.55 -13.75 -32.67
N THR B 254 14.30 -13.39 -32.93
CA THR B 254 13.21 -13.76 -32.07
C THR B 254 12.37 -14.81 -32.73
N THR B 255 12.13 -15.91 -32.04
CA THR B 255 11.29 -16.97 -32.49
C THR B 255 10.07 -17.07 -31.57
N GLU B 256 8.89 -17.16 -32.16
CA GLU B 256 7.62 -17.33 -31.44
C GLU B 256 7.32 -18.82 -31.36
N TRP B 257 6.97 -19.26 -30.15
CA TRP B 257 6.55 -20.62 -29.88
C TRP B 257 5.13 -20.59 -29.38
N CYS B 258 4.29 -21.50 -29.90
CA CYS B 258 2.85 -21.48 -29.73
C CYS B 258 2.34 -22.71 -29.05
N TRP B 259 1.60 -22.54 -27.97
CA TRP B 259 0.87 -23.64 -27.36
C TRP B 259 -0.62 -23.39 -27.61
N ASP B 260 -1.29 -24.34 -28.25
CA ASP B 260 -2.69 -24.26 -28.59
C ASP B 260 -3.43 -25.54 -28.23
N GLY B 261 -2.91 -26.26 -27.24
CA GLY B 261 -3.64 -27.34 -26.62
C GLY B 261 -2.88 -28.62 -26.37
N ASN B 262 -1.92 -28.89 -27.23
CA ASN B 262 -1.23 -30.19 -27.16
C ASN B 262 0.10 -30.17 -27.94
N GLY B 263 0.96 -29.24 -27.65
CA GLY B 263 2.30 -29.19 -28.19
C GLY B 263 2.67 -27.75 -28.50
N TRP B 264 3.97 -27.52 -28.54
CA TRP B 264 4.57 -26.25 -28.91
C TRP B 264 4.94 -26.25 -30.36
N THR B 265 4.54 -25.22 -31.10
CA THR B 265 4.82 -25.14 -32.54
C THR B 265 5.44 -23.78 -32.85
N LYS B 266 6.19 -23.71 -33.94
CA LYS B 266 6.86 -22.51 -34.32
C LYS B 266 5.91 -21.58 -35.01
N GLY B 267 5.72 -20.39 -34.47
CA GLY B 267 4.75 -19.45 -34.99
C GLY B 267 5.24 -18.64 -36.18
N ALA B 268 4.33 -17.89 -36.78
CA ALA B 268 4.62 -17.07 -37.92
C ALA B 268 5.34 -15.78 -37.65
N TYR B 269 5.44 -15.37 -36.39
CA TYR B 269 6.14 -14.13 -36.06
C TYR B 269 7.49 -14.01 -36.72
N THR B 270 7.68 -12.84 -37.31
CA THR B 270 8.96 -12.33 -37.76
C THR B 270 9.01 -10.87 -37.26
N ALA B 271 10.21 -10.34 -37.09
CA ALA B 271 10.34 -8.97 -36.61
C ALA B 271 10.51 -7.98 -37.76
#